data_3KUH
#
_entry.id   3KUH
#
_cell.length_a   73.72
_cell.length_b   38.34
_cell.length_c   57.90
_cell.angle_alpha   90.00
_cell.angle_beta   116.90
_cell.angle_gamma   90.00
#
_symmetry.space_group_name_H-M   'C 1 2 1'
#
loop_
_entity.id
_entity.type
_entity.pdbx_description
1 polymer '2-amino-4-hydroxy-6-hydroxymethyldihydropteridine pyrophosphokinase'
2 non-polymer 'DIPHOSPHOMETHYLPHOSPHONIC ACID ADENOSYL ESTER'
3 non-polymer 2-AMINO-6-HYDROXYMETHYL-7,8-DIHYDRO-3H-PTERIDIN-4-ONE
4 non-polymer 'MAGNESIUM ION'
5 non-polymer 'CHLORIDE ION'
6 non-polymer 'ACETATE ION'
7 water water
#
_entity_poly.entity_id   1
_entity_poly.type   'polypeptide(L)'
_entity_poly.pdbx_seq_one_letter_code
;TVAYIAIGSNLASPLEQVNAALKALGDIPESHILTVSSFYRTPPLGPQDQPDYLNAAVALETSLAPEELLNHTQRIELQQ
GRVRKAERWGPRTLDLDIMLFGNEVINTERLTVPAYDMKNRGFMLWPLFEIAPELVFPDGEMLRQILHTRAFDKLNKW
;
_entity_poly.pdbx_strand_id   A
#
loop_
_chem_comp.id
_chem_comp.type
_chem_comp.name
_chem_comp.formula
ACT non-polymer 'ACETATE ION' 'C2 H3 O2 -1'
APC non-polymer 'DIPHOSPHOMETHYLPHOSPHONIC ACID ADENOSYL ESTER' 'C11 H18 N5 O12 P3'
CL non-polymer 'CHLORIDE ION' 'Cl -1'
MG non-polymer 'MAGNESIUM ION' 'Mg 2'
PH2 non-polymer 2-AMINO-6-HYDROXYMETHYL-7,8-DIHYDRO-3H-PTERIDIN-4-ONE 'C7 H9 N5 O2'
#
# COMPACT_ATOMS: atom_id res chain seq x y z
N THR A 1 -4.64 7.10 15.13
CA THR A 1 -3.39 6.60 14.58
C THR A 1 -3.35 6.83 13.07
N VAL A 2 -2.19 7.22 12.56
CA VAL A 2 -2.03 7.37 11.12
C VAL A 2 -1.50 6.08 10.51
N ALA A 3 -2.34 5.44 9.70
CA ALA A 3 -1.95 4.26 8.96
C ALA A 3 -1.54 4.66 7.54
N TYR A 4 -0.42 4.12 7.06
CA TYR A 4 -0.03 4.34 5.68
C TYR A 4 -0.31 3.07 4.91
N ILE A 5 -1.10 3.18 3.85
N ILE A 5 -1.13 3.17 3.87
CA ILE A 5 -1.57 2.01 3.10
CA ILE A 5 -1.57 2.02 3.10
C ILE A 5 -1.08 2.12 1.67
C ILE A 5 -1.08 2.11 1.66
N ALA A 6 -0.45 1.04 1.18
CA ALA A 6 -0.01 0.97 -0.21
C ALA A 6 -1.16 0.41 -1.03
N ILE A 7 -1.34 0.97 -2.22
CA ILE A 7 -2.37 0.49 -3.14
C ILE A 7 -1.70 0.02 -4.43
N GLY A 8 -2.08 -1.17 -4.89
CA GLY A 8 -1.61 -1.68 -6.16
C GLY A 8 -2.73 -2.33 -6.92
N SER A 9 -2.69 -2.20 -8.25
CA SER A 9 -3.66 -2.86 -9.11
C SER A 9 -3.07 -3.05 -10.50
N ASN A 10 -3.26 -4.23 -11.09
CA ASN A 10 -2.85 -4.41 -12.49
C ASN A 10 -3.84 -5.21 -13.33
N LEU A 11 -5.09 -5.31 -12.84
CA LEU A 11 -6.17 -5.97 -13.57
C LEU A 11 -7.45 -5.14 -13.53
N ALA A 12 -8.31 -5.36 -14.54
CA ALA A 12 -9.66 -4.81 -14.56
C ALA A 12 -9.72 -3.29 -14.42
N SER A 13 -8.93 -2.61 -15.25
CA SER A 13 -8.86 -1.14 -15.26
C SER A 13 -8.30 -0.57 -13.95
N PRO A 14 -6.98 -0.64 -13.79
CA PRO A 14 -6.37 -0.22 -12.53
C PRO A 14 -6.78 1.18 -12.05
N LEU A 15 -6.97 2.14 -12.95
CA LEU A 15 -7.36 3.48 -12.52
C LEU A 15 -8.73 3.46 -11.83
N GLU A 16 -9.68 2.74 -12.42
CA GLU A 16 -11.00 2.60 -11.80
C GLU A 16 -10.89 1.88 -10.46
N GLN A 17 -10.06 0.84 -10.41
CA GLN A 17 -9.88 0.08 -9.18
C GLN A 17 -9.33 0.94 -8.06
N VAL A 18 -8.32 1.76 -8.38
N VAL A 18 -8.34 1.77 -8.38
CA VAL A 18 -7.72 2.62 -7.38
CA VAL A 18 -7.72 2.60 -7.37
C VAL A 18 -8.71 3.68 -6.89
C VAL A 18 -8.63 3.75 -6.92
N ASN A 19 -9.45 4.26 -7.83
CA ASN A 19 -10.45 5.27 -7.46
C ASN A 19 -11.53 4.66 -6.57
N ALA A 20 -11.97 3.46 -6.91
CA ALA A 20 -12.95 2.76 -6.09
C ALA A 20 -12.38 2.45 -4.70
N ALA A 21 -11.12 2.05 -4.65
CA ALA A 21 -10.48 1.73 -3.38
C ALA A 21 -10.41 2.96 -2.48
N LEU A 22 -10.07 4.11 -3.07
CA LEU A 22 -9.97 5.34 -2.30
C LEU A 22 -11.31 5.72 -1.70
N LYS A 23 -12.37 5.62 -2.51
CA LYS A 23 -13.71 5.90 -2.02
C LYS A 23 -14.04 4.97 -0.85
N ALA A 24 -13.79 3.69 -1.04
CA ALA A 24 -14.09 2.68 -0.01
C ALA A 24 -13.26 2.87 1.27
N LEU A 25 -11.99 3.23 1.12
CA LEU A 25 -11.14 3.47 2.28
C LEU A 25 -11.70 4.59 3.13
N GLY A 26 -12.17 5.65 2.48
CA GLY A 26 -12.77 6.77 3.21
C GLY A 26 -14.03 6.39 3.95
N ASP A 27 -14.68 5.32 3.51
CA ASP A 27 -15.92 4.85 4.14
C ASP A 27 -15.70 3.87 5.29
N ILE A 28 -14.44 3.53 5.56
CA ILE A 28 -14.16 2.62 6.69
C ILE A 28 -14.57 3.30 7.99
N PRO A 29 -15.26 2.57 8.88
CA PRO A 29 -15.69 3.19 10.14
C PRO A 29 -14.54 3.74 10.97
N GLU A 30 -14.80 4.84 11.69
CA GLU A 30 -13.84 5.39 12.65
C GLU A 30 -12.52 5.75 11.99
N SER A 31 -12.60 6.10 10.72
CA SER A 31 -11.42 6.37 9.91
C SER A 31 -11.71 7.48 8.90
N HIS A 32 -10.67 8.15 8.46
CA HIS A 32 -10.79 9.10 7.36
C HIS A 32 -9.46 9.28 6.63
N ILE A 33 -9.55 9.55 5.34
CA ILE A 33 -8.35 9.80 4.55
C ILE A 33 -7.72 11.14 4.92
N LEU A 34 -6.40 11.14 5.07
CA LEU A 34 -5.64 12.36 5.35
C LEU A 34 -4.99 12.91 4.08
N THR A 35 -4.30 12.04 3.35
CA THR A 35 -3.50 12.46 2.20
C THR A 35 -3.43 11.31 1.21
N VAL A 36 -3.45 11.62 -0.07
CA VAL A 36 -3.34 10.61 -1.11
C VAL A 36 -2.18 11.00 -2.03
N SER A 37 -1.44 10.00 -2.51
CA SER A 37 -0.33 10.26 -3.43
C SER A 37 -0.81 10.41 -4.86
N SER A 38 0.12 10.69 -5.77
CA SER A 38 -0.14 10.58 -7.20
C SER A 38 -0.28 9.11 -7.57
N PHE A 39 -0.67 8.86 -8.82
CA PHE A 39 -0.78 7.50 -9.34
C PHE A 39 0.42 7.22 -10.25
N TYR A 40 1.06 6.07 -10.05
CA TYR A 40 2.29 5.72 -10.77
C TYR A 40 2.13 4.43 -11.56
N ARG A 41 2.73 4.35 -12.73
CA ARG A 41 2.72 3.14 -13.54
C ARG A 41 4.05 2.42 -13.38
N THR A 42 4.00 1.21 -12.85
CA THR A 42 5.25 0.52 -12.51
C THR A 42 5.31 -0.87 -13.15
N PRO A 43 6.50 -1.27 -13.62
CA PRO A 43 6.63 -2.62 -14.18
C PRO A 43 6.49 -3.66 -13.08
N PRO A 44 6.00 -4.85 -13.43
CA PRO A 44 5.74 -5.83 -12.36
C PRO A 44 7.01 -6.32 -11.68
N LEU A 45 6.95 -6.40 -10.35
N LEU A 45 6.94 -6.43 -10.35
CA LEU A 45 7.92 -7.16 -9.59
CA LEU A 45 7.95 -7.15 -9.59
C LEU A 45 7.46 -8.60 -9.62
C LEU A 45 7.49 -8.60 -9.54
N GLY A 46 8.36 -9.52 -9.97
CA GLY A 46 8.01 -10.92 -9.99
C GLY A 46 7.78 -11.42 -11.41
N PRO A 47 6.76 -12.26 -11.59
CA PRO A 47 6.51 -12.83 -12.94
C PRO A 47 6.26 -11.73 -13.96
N GLN A 48 6.84 -11.89 -15.15
CA GLN A 48 6.75 -10.85 -16.18
C GLN A 48 5.59 -11.04 -17.14
N ASP A 49 4.84 -12.12 -16.94
CA ASP A 49 3.65 -12.36 -17.74
C ASP A 49 2.39 -11.73 -17.14
N GLN A 50 2.48 -10.45 -16.78
CA GLN A 50 1.33 -9.74 -16.23
C GLN A 50 1.47 -8.26 -16.56
N PRO A 51 0.36 -7.52 -16.48
CA PRO A 51 0.38 -6.11 -16.87
C PRO A 51 1.11 -5.20 -15.87
N ASP A 52 1.43 -3.99 -16.30
CA ASP A 52 2.00 -2.99 -15.41
C ASP A 52 0.99 -2.64 -14.33
N TYR A 53 1.52 -2.24 -13.17
CA TYR A 53 0.71 -1.87 -12.01
C TYR A 53 0.45 -0.37 -11.93
N LEU A 54 -0.71 0.00 -11.40
CA LEU A 54 -0.88 1.34 -10.85
C LEU A 54 -0.55 1.22 -9.37
N ASN A 55 0.42 2.01 -8.91
CA ASN A 55 0.75 2.06 -7.49
C ASN A 55 0.53 3.42 -6.90
N ALA A 56 0.08 3.46 -5.65
CA ALA A 56 -0.16 4.70 -4.93
C ALA A 56 -0.04 4.45 -3.43
N ALA A 57 -0.17 5.51 -2.64
CA ALA A 57 -0.14 5.37 -1.18
C ALA A 57 -1.14 6.34 -0.59
N VAL A 58 -1.70 5.99 0.58
CA VAL A 58 -2.65 6.85 1.25
C VAL A 58 -2.37 6.86 2.75
N ALA A 59 -2.57 8.02 3.37
CA ALA A 59 -2.50 8.15 4.82
C ALA A 59 -3.94 8.16 5.31
N LEU A 60 -4.24 7.24 6.23
CA LEU A 60 -5.59 7.09 6.77
C LEU A 60 -5.54 7.27 8.29
N GLU A 61 -6.25 8.25 8.81
CA GLU A 61 -6.39 8.37 10.25
C GLU A 61 -7.43 7.34 10.69
N THR A 62 -7.14 6.58 11.73
CA THR A 62 -8.09 5.57 12.17
C THR A 62 -8.02 5.31 13.67
N SER A 63 -9.18 4.99 14.25
N SER A 63 -9.16 5.01 14.27
CA SER A 63 -9.26 4.60 15.64
CA SER A 63 -9.17 4.59 15.67
C SER A 63 -9.44 3.10 15.77
C SER A 63 -9.45 3.09 15.77
N LEU A 64 -9.46 2.40 14.63
CA LEU A 64 -9.59 0.95 14.64
C LEU A 64 -8.31 0.30 15.13
N ALA A 65 -8.45 -0.88 15.72
CA ALA A 65 -7.29 -1.72 16.00
C ALA A 65 -6.72 -2.22 14.66
N PRO A 66 -5.41 -2.48 14.61
CA PRO A 66 -4.80 -2.83 13.32
C PRO A 66 -5.44 -4.04 12.62
N GLU A 67 -5.77 -5.09 13.35
N GLU A 67 -5.76 -5.09 13.39
CA GLU A 67 -6.37 -6.26 12.72
CA GLU A 67 -6.39 -6.27 12.82
C GLU A 67 -7.78 -5.96 12.21
C GLU A 67 -7.76 -5.95 12.23
N GLU A 68 -8.48 -5.04 12.88
CA GLU A 68 -9.80 -4.63 12.41
C GLU A 68 -9.65 -3.77 11.16
N LEU A 69 -8.62 -2.93 11.09
CA LEU A 69 -8.36 -2.23 9.84
C LEU A 69 -8.09 -3.25 8.74
N LEU A 70 -7.27 -4.26 9.04
CA LEU A 70 -6.98 -5.32 8.06
C LEU A 70 -8.25 -6.02 7.57
N ASN A 71 -9.17 -6.32 8.49
CA ASN A 71 -10.44 -6.90 8.07
C ASN A 71 -11.12 -6.02 7.03
N HIS A 72 -11.06 -4.70 7.24
CA HIS A 72 -11.71 -3.77 6.34
C HIS A 72 -10.99 -3.61 4.99
N THR A 73 -9.65 -3.57 5.02
CA THR A 73 -8.93 -3.48 3.76
C THR A 73 -9.12 -4.76 2.95
N GLN A 74 -9.15 -5.91 3.63
CA GLN A 74 -9.36 -7.16 2.93
C GLN A 74 -10.77 -7.23 2.34
N ARG A 75 -11.74 -6.70 3.06
CA ARG A 75 -13.10 -6.64 2.54
C ARG A 75 -13.17 -5.81 1.25
N ILE A 76 -12.45 -4.69 1.23
CA ILE A 76 -12.42 -3.85 0.04
C ILE A 76 -11.79 -4.58 -1.15
N GLU A 77 -10.68 -5.30 -0.91
CA GLU A 77 -10.09 -6.10 -1.97
C GLU A 77 -11.10 -7.07 -2.56
N LEU A 78 -11.84 -7.74 -1.68
CA LEU A 78 -12.80 -8.76 -2.11
C LEU A 78 -13.97 -8.13 -2.87
N GLN A 79 -14.41 -6.97 -2.41
N GLN A 79 -14.42 -6.96 -2.42
CA GLN A 79 -15.51 -6.26 -3.07
CA GLN A 79 -15.53 -6.29 -3.08
C GLN A 79 -15.10 -5.82 -4.47
C GLN A 79 -15.10 -5.66 -4.40
N GLN A 80 -13.79 -5.69 -4.67
CA GLN A 80 -13.26 -5.28 -5.98
C GLN A 80 -12.70 -6.47 -6.77
N GLY A 81 -13.18 -7.66 -6.41
CA GLY A 81 -12.95 -8.84 -7.20
C GLY A 81 -11.58 -9.48 -7.07
N ARG A 82 -10.84 -9.17 -6.00
CA ARG A 82 -9.55 -9.82 -5.78
C ARG A 82 -9.71 -11.33 -5.78
N VAL A 83 -8.92 -12.00 -6.61
CA VAL A 83 -8.84 -13.45 -6.58
C VAL A 83 -7.38 -13.82 -6.37
N ARG A 84 -7.13 -14.72 -5.42
N ARG A 84 -7.17 -14.74 -5.43
CA ARG A 84 -5.76 -15.08 -5.10
CA ARG A 84 -5.85 -15.20 -5.08
C ARG A 84 -5.30 -16.35 -5.79
C ARG A 84 -5.39 -16.27 -6.08
N LYS A 85 -4.29 -16.21 -6.65
N LYS A 85 -4.15 -16.17 -6.51
CA LYS A 85 -3.77 -17.30 -7.45
CA LYS A 85 -3.59 -17.14 -7.46
C LYS A 85 -2.78 -18.14 -6.68
C LYS A 85 -2.56 -18.02 -6.76
N ALA A 86 -2.26 -19.17 -7.35
CA ALA A 86 -1.25 -20.04 -6.77
C ALA A 86 0.10 -19.33 -6.78
N GLU A 87 0.40 -18.65 -7.87
CA GLU A 87 1.72 -18.06 -8.02
C GLU A 87 1.92 -16.86 -7.13
N ARG A 88 3.15 -16.69 -6.65
CA ARG A 88 3.50 -15.55 -5.84
C ARG A 88 3.75 -14.33 -6.74
N TRP A 89 3.39 -13.15 -6.24
CA TRP A 89 3.60 -11.90 -6.94
C TRP A 89 2.82 -11.82 -8.26
N GLY A 90 1.71 -12.55 -8.34
CA GLY A 90 0.87 -12.54 -9.53
C GLY A 90 -0.10 -11.38 -9.60
N PRO A 91 -0.81 -11.25 -10.73
CA PRO A 91 -1.66 -10.07 -10.93
C PRO A 91 -2.87 -10.06 -10.01
N ARG A 92 -3.42 -8.86 -9.77
CA ARG A 92 -4.59 -8.72 -8.91
C ARG A 92 -5.35 -7.44 -9.23
N THR A 93 -6.67 -7.48 -9.03
CA THR A 93 -7.49 -6.30 -9.24
C THR A 93 -7.19 -5.21 -8.22
N LEU A 94 -6.96 -5.61 -6.96
CA LEU A 94 -6.66 -4.64 -5.91
C LEU A 94 -5.88 -5.27 -4.79
N ASP A 95 -4.84 -4.56 -4.36
CA ASP A 95 -4.01 -4.99 -3.24
C ASP A 95 -3.82 -3.81 -2.31
N LEU A 96 -4.26 -3.98 -1.06
CA LEU A 96 -4.11 -2.96 -0.03
C LEU A 96 -3.22 -3.51 1.07
N ASP A 97 -2.01 -2.97 1.17
CA ASP A 97 -1.04 -3.41 2.16
C ASP A 97 -0.86 -2.34 3.21
N ILE A 98 -0.97 -2.73 4.49
CA ILE A 98 -0.70 -1.78 5.56
C ILE A 98 0.81 -1.64 5.74
N MET A 99 1.36 -0.53 5.26
CA MET A 99 2.80 -0.30 5.36
C MET A 99 3.24 0.04 6.77
N LEU A 100 2.54 0.99 7.39
CA LEU A 100 2.86 1.42 8.74
C LEU A 100 1.53 1.66 9.43
N PHE A 101 1.51 1.36 10.73
CA PHE A 101 0.36 1.67 11.55
C PHE A 101 0.87 2.55 12.70
N GLY A 102 0.80 3.86 12.52
CA GLY A 102 1.51 4.78 13.39
C GLY A 102 2.97 4.35 13.46
N ASN A 103 3.54 4.41 14.65
CA ASN A 103 4.90 3.97 14.88
C ASN A 103 4.95 2.55 15.43
N GLU A 104 3.87 1.80 15.29
CA GLU A 104 3.78 0.48 15.88
C GLU A 104 4.63 -0.57 15.17
N VAL A 105 5.10 -1.53 15.96
CA VAL A 105 5.71 -2.74 15.41
C VAL A 105 4.76 -3.88 15.76
N ILE A 106 4.31 -4.59 14.72
CA ILE A 106 3.34 -5.66 14.90
C ILE A 106 3.85 -6.91 14.23
N ASN A 107 3.89 -8.01 14.98
CA ASN A 107 4.27 -9.32 14.46
C ASN A 107 3.27 -10.37 14.92
N THR A 108 2.33 -10.70 14.05
CA THR A 108 1.35 -11.73 14.33
C THR A 108 1.26 -12.61 13.10
N GLU A 109 0.50 -13.70 13.18
CA GLU A 109 0.31 -14.56 12.04
C GLU A 109 -0.35 -13.84 10.85
N ARG A 110 -1.38 -13.03 11.15
CA ARG A 110 -2.10 -12.29 10.10
C ARG A 110 -1.41 -11.01 9.66
N LEU A 111 -0.60 -10.41 10.54
CA LEU A 111 -0.16 -9.05 10.31
C LEU A 111 1.29 -8.81 10.68
N THR A 112 2.07 -8.29 9.74
CA THR A 112 3.44 -7.88 9.99
C THR A 112 3.57 -6.43 9.55
N VAL A 113 3.87 -5.56 10.51
CA VAL A 113 4.03 -4.13 10.26
C VAL A 113 5.27 -3.66 11.03
N PRO A 114 6.14 -2.87 10.39
CA PRO A 114 6.11 -2.40 9.00
C PRO A 114 6.00 -3.52 7.96
N ALA A 115 5.35 -3.23 6.85
CA ALA A 115 5.20 -4.20 5.77
C ALA A 115 6.57 -4.80 5.46
N TYR A 116 6.60 -6.13 5.33
CA TYR A 116 7.85 -6.87 5.39
C TYR A 116 8.89 -6.52 4.30
N ASP A 117 8.44 -6.09 3.12
CA ASP A 117 9.34 -5.88 1.99
C ASP A 117 9.35 -4.44 1.52
N MET A 118 8.72 -3.54 2.26
CA MET A 118 8.52 -2.19 1.73
C MET A 118 9.83 -1.42 1.51
N LYS A 119 10.84 -1.69 2.34
CA LYS A 119 12.09 -0.94 2.24
C LYS A 119 12.88 -1.33 1.00
N ASN A 120 12.44 -2.39 0.33
CA ASN A 120 13.08 -2.85 -0.89
C ASN A 120 12.34 -2.44 -2.16
N ARG A 121 11.23 -1.72 -2.01
CA ARG A 121 10.32 -1.47 -3.13
C ARG A 121 10.10 0.02 -3.41
N GLY A 122 10.68 0.53 -4.49
CA GLY A 122 10.46 1.91 -4.87
C GLY A 122 8.98 2.19 -5.10
N PHE A 123 8.24 1.19 -5.57
CA PHE A 123 6.82 1.40 -5.84
C PHE A 123 5.98 1.55 -4.57
N MET A 124 6.58 1.24 -3.42
CA MET A 124 5.97 1.54 -2.13
C MET A 124 6.58 2.79 -1.52
N LEU A 125 7.91 2.91 -1.55
CA LEU A 125 8.58 4.03 -0.88
C LEU A 125 8.37 5.38 -1.57
N TRP A 126 8.38 5.42 -2.89
CA TRP A 126 8.25 6.72 -3.56
C TRP A 126 6.87 7.36 -3.31
N PRO A 127 5.77 6.61 -3.49
CA PRO A 127 4.47 7.23 -3.21
C PRO A 127 4.35 7.61 -1.73
N LEU A 128 4.91 6.79 -0.84
CA LEU A 128 4.91 7.14 0.58
C LEU A 128 5.69 8.43 0.84
N PHE A 129 6.85 8.58 0.19
CA PHE A 129 7.68 9.77 0.36
C PHE A 129 6.96 11.04 -0.14
N GLU A 130 6.16 10.89 -1.18
CA GLU A 130 5.35 12.01 -1.68
C GLU A 130 4.38 12.56 -0.63
N ILE A 131 3.83 11.67 0.20
CA ILE A 131 2.84 12.10 1.17
C ILE A 131 3.37 12.26 2.60
N ALA A 132 4.57 11.74 2.85
CA ALA A 132 5.16 11.77 4.19
C ALA A 132 6.66 11.92 4.11
N PRO A 133 7.13 13.08 3.60
CA PRO A 133 8.58 13.24 3.36
C PRO A 133 9.42 13.19 4.66
N GLU A 134 8.82 13.50 5.80
CA GLU A 134 9.54 13.55 7.07
C GLU A 134 9.43 12.23 7.84
N LEU A 135 8.86 11.22 7.21
N LEU A 135 8.86 11.22 7.21
CA LEU A 135 8.54 9.99 7.93
CA LEU A 135 8.59 9.97 7.88
C LEU A 135 9.79 9.29 8.48
C LEU A 135 9.83 9.35 8.51
N VAL A 136 9.68 8.85 9.73
CA VAL A 136 10.73 8.06 10.37
C VAL A 136 10.11 6.71 10.72
N PHE A 137 10.80 5.63 10.39
CA PHE A 137 10.33 4.27 10.68
C PHE A 137 10.45 3.94 12.17
N PRO A 138 9.71 2.92 12.62
CA PRO A 138 9.82 2.51 14.03
C PRO A 138 11.27 2.20 14.44
N ASP A 139 12.12 1.74 13.52
CA ASP A 139 13.50 1.40 13.88
C ASP A 139 14.42 2.62 13.86
N GLY A 140 13.83 3.79 13.62
CA GLY A 140 14.58 5.04 13.68
C GLY A 140 15.13 5.54 12.36
N GLU A 141 15.01 4.74 11.31
CA GLU A 141 15.49 5.17 9.99
C GLU A 141 14.58 6.21 9.36
N MET A 142 15.16 7.20 8.70
CA MET A 142 14.37 8.17 7.97
C MET A 142 14.06 7.68 6.56
N LEU A 143 12.80 7.77 6.15
CA LEU A 143 12.41 7.40 4.79
C LEU A 143 13.29 8.09 3.76
N ARG A 144 13.55 9.38 3.96
CA ARG A 144 14.36 10.16 3.03
C ARG A 144 15.74 9.53 2.84
N GLN A 145 16.29 8.99 3.92
N GLN A 145 16.29 8.97 3.91
CA GLN A 145 17.62 8.39 3.89
CA GLN A 145 17.65 8.39 3.85
C GLN A 145 17.63 7.00 3.26
C GLN A 145 17.66 6.97 3.28
N ILE A 146 16.59 6.21 3.52
CA ILE A 146 16.46 4.91 2.88
C ILE A 146 16.44 5.11 1.37
N LEU A 147 15.66 6.09 0.91
CA LEU A 147 15.63 6.38 -0.52
C LEU A 147 16.99 6.82 -1.04
N HIS A 148 17.71 7.62 -0.27
CA HIS A 148 19.04 8.04 -0.71
C HIS A 148 19.99 6.86 -0.84
N THR A 149 19.98 5.99 0.17
CA THR A 149 20.88 4.84 0.18
C THR A 149 20.61 3.89 -0.99
N ARG A 150 19.34 3.57 -1.21
CA ARG A 150 19.01 2.56 -2.21
C ARG A 150 19.04 3.11 -3.64
N ALA A 151 18.81 4.42 -3.78
CA ALA A 151 18.82 5.06 -5.09
C ALA A 151 17.96 4.30 -6.12
N PHE A 152 16.74 3.96 -5.71
CA PHE A 152 15.80 3.32 -6.59
C PHE A 152 15.43 4.27 -7.74
N ASP A 153 15.18 3.72 -8.92
CA ASP A 153 14.71 4.53 -10.03
C ASP A 153 13.46 5.30 -9.62
N LYS A 154 13.35 6.54 -10.07
CA LYS A 154 12.13 7.30 -9.85
C LYS A 154 10.98 6.74 -10.69
N LEU A 155 9.77 6.97 -10.24
CA LEU A 155 8.61 6.40 -10.91
C LEU A 155 8.02 7.32 -11.97
N ASN A 156 7.31 6.73 -12.92
CA ASN A 156 6.56 7.48 -13.93
C ASN A 156 5.09 7.57 -13.53
N LYS A 157 4.47 8.73 -13.80
CA LYS A 157 3.05 8.90 -13.51
C LYS A 157 2.21 7.98 -14.39
N TRP A 158 1.12 7.47 -13.82
CA TRP A 158 0.16 6.65 -14.55
C TRP A 158 -0.46 7.44 -15.70
PG APC B . 3.33 -8.86 -0.87
O1G APC B . 3.01 -8.98 0.60
O2G APC B . 4.63 -9.52 -1.28
O3G APC B . 3.28 -7.43 -1.33
PB APC B . 0.60 -9.56 -1.60
O1B APC B . 0.32 -8.16 -1.11
O2B APC B . 0.01 -9.96 -2.92
O3B APC B . 2.19 -9.72 -1.69
PA APC B . -1.64 -10.80 -0.10
O1A APC B . -2.26 -9.46 -0.38
O2A APC B . -2.22 -11.96 -0.82
C3A APC B . 0.14 -10.73 -0.32
O5' APC B . -1.89 -10.95 1.47
C5' APC B . -1.54 -12.21 2.09
C4' APC B . -1.62 -12.05 3.58
O4' APC B . -0.68 -11.03 4.01
C3' APC B . -2.96 -11.55 4.15
O3' APC B . -3.95 -12.52 4.28
C2' APC B . -2.55 -10.88 5.45
O2' APC B . -2.94 -11.69 6.57
C1' APC B . -1.03 -10.82 5.39
N9 APC B . -0.42 -9.59 5.84
C8 APC B . 0.62 -9.53 6.72
N7 APC B . 1.04 -8.30 6.96
C5 APC B . 0.19 -7.52 6.18
C6 APC B . 0.16 -6.11 6.01
N6 APC B . 1.02 -5.31 6.67
N1 APC B . -0.79 -5.61 5.18
C2 APC B . -1.60 -6.48 4.56
N3 APC B . -1.66 -7.80 4.64
C4 APC B . -0.73 -8.28 5.47
N1 PH2 C . 2.87 -6.16 -5.86
N1 PH2 C . 2.82 -6.04 -5.88
C2 PH2 C . 3.03 -7.44 -5.88
C2 PH2 C . 3.09 -7.30 -5.78
C3 PH2 C . 3.61 -8.13 -7.08
C3 PH2 C . 3.65 -8.08 -6.93
N4 PH2 C . 4.58 -7.24 -7.73
N4 PH2 C . 4.39 -7.20 -7.85
N5 PH2 C . 4.81 -5.12 -8.72
N5 PH2 C . 4.62 -5.10 -8.85
C6 PH2 C . 4.53 -3.83 -8.78
C6 PH2 C . 4.35 -3.81 -8.92
N6 PH2 C . 5.12 -3.06 -9.74
N6 PH2 C . 4.91 -3.06 -9.91
N7 PH2 C . 3.66 -3.25 -7.89
N7 PH2 C . 3.54 -3.20 -8.01
C8 PH2 C . 3.08 -3.98 -6.92
C8 PH2 C . 2.98 -3.91 -7.00
O8 PH2 C . 2.30 -3.46 -6.14
O8 PH2 C . 2.22 -3.38 -6.19
C9 PH2 C . 3.39 -5.36 -6.84
C9 PH2 C . 3.26 -5.28 -6.92
C10 PH2 C . 4.28 -5.90 -7.79
C10 PH2 C . 4.11 -5.85 -7.89
C11 PH2 C . 2.48 -8.30 -4.78
C11 PH2 C . 2.65 -8.06 -4.56
O4 PH2 C . 1.65 -7.53 -3.92
O4 PH2 C . 2.76 -9.46 -4.80
MG MG D . -1.38 -7.54 -0.08
MG MG E . 1.41 -6.39 -1.85
CL CL F . 11.27 -0.11 10.93
C ACT G . -12.46 9.33 12.06
O ACT G . -11.21 9.27 12.17
OXT ACT G . -12.88 9.85 11.00
CH3 ACT G . -13.39 8.82 13.11
#